data_2E2E
#
_entry.id   2E2E
#
_cell.length_a   47.802
_cell.length_b   85.824
_cell.length_c   49.073
_cell.angle_alpha   90.00
_cell.angle_beta   89.99
_cell.angle_gamma   90.00
#
_symmetry.space_group_name_H-M   'P 1 21 1'
#
loop_
_entity.id
_entity.type
_entity.pdbx_description
1 polymer 'Formate-dependent nitrite reductase complex nrfG subunit'
2 non-polymer BETA-MERCAPTOETHANOL
3 non-polymer IMIDAZOLE
4 water water
#
_entity_poly.entity_id   1
_entity_poly.type   'polypeptide(L)'
_entity_poly.pdbx_seq_one_letter_code
;PKWQAVRAEYQRQRDPLHQFASQQNPEAQLQALQDKIRANPQNSEQWALLGEYYLWQNDYSNSLLAYRQALQLRGENAEL
YAALATVLYYQASQHMTAQTRAMIDKALALDSNEITALMLLASDAFMQANYAQAIELWQKVMDLNSPRINRTQLVESINM
AKLLQRRSDLEHHHHHH
;
_entity_poly.pdbx_strand_id   A,B
#
loop_
_chem_comp.id
_chem_comp.type
_chem_comp.name
_chem_comp.formula
BME non-polymer BETA-MERCAPTOETHANOL 'C2 H6 O S'
IMD non-polymer IMIDAZOLE 'C3 H5 N2 1'
#
# COMPACT_ATOMS: atom_id res chain seq x y z
N LYS A 2 -5.37 -35.26 -15.28
CA LYS A 2 -5.90 -33.90 -14.95
C LYS A 2 -7.43 -33.89 -14.98
N TRP A 3 -8.03 -32.70 -15.09
CA TRP A 3 -9.47 -32.57 -15.40
C TRP A 3 -9.74 -31.75 -16.67
N GLN A 4 -9.18 -30.54 -16.84
CA GLN A 4 -8.05 -29.95 -16.09
C GLN A 4 -8.32 -29.54 -14.65
N ALA A 5 -7.44 -30.03 -13.76
CA ALA A 5 -7.46 -29.74 -12.34
C ALA A 5 -6.05 -29.85 -11.78
N VAL A 6 -5.28 -28.78 -11.99
CA VAL A 6 -3.93 -28.63 -11.46
C VAL A 6 -4.01 -27.55 -10.37
N ARG A 7 -5.17 -26.88 -10.32
CA ARG A 7 -5.45 -25.74 -9.45
C ARG A 7 -4.76 -24.48 -9.94
N ALA A 8 -5.56 -23.53 -10.44
CA ALA A 8 -5.04 -22.23 -10.88
C ALA A 8 -4.50 -21.43 -9.69
N GLU A 9 -3.40 -20.72 -9.91
CA GLU A 9 -2.77 -19.92 -8.84
C GLU A 9 -1.86 -18.85 -9.42
N TYR A 10 -1.89 -17.66 -8.81
CA TYR A 10 -1.04 -16.55 -9.27
C TYR A 10 0.09 -16.26 -8.27
N GLN A 11 0.82 -15.16 -8.49
CA GLN A 11 1.93 -14.74 -7.61
C GLN A 11 1.46 -14.29 -6.21
N ARG A 12 2.24 -13.40 -5.58
CA ARG A 12 1.93 -12.94 -4.22
C ARG A 12 2.22 -11.44 -4.01
N GLN A 13 3.11 -11.13 -3.07
CA GLN A 13 3.73 -9.79 -2.98
C GLN A 13 5.21 -9.79 -2.58
N ARG A 14 5.74 -10.90 -2.04
CA ARG A 14 7.20 -11.10 -2.09
C ARG A 14 7.72 -12.11 -3.12
N ASP A 15 6.87 -13.00 -3.63
CA ASP A 15 7.26 -13.78 -4.82
C ASP A 15 7.48 -12.90 -6.04
N PRO A 16 6.60 -11.90 -6.25
CA PRO A 16 6.91 -10.89 -7.26
C PRO A 16 8.16 -10.10 -6.87
N LEU A 17 8.27 -9.74 -5.59
CA LEU A 17 9.40 -8.98 -5.11
C LEU A 17 10.72 -9.75 -5.30
N HIS A 18 10.69 -11.05 -5.01
CA HIS A 18 11.77 -11.97 -5.42
C HIS A 18 11.64 -12.22 -6.92
N GLN A 19 11.91 -11.16 -7.70
CA GLN A 19 12.19 -11.28 -9.13
C GLN A 19 13.70 -11.15 -9.34
N PHE A 20 14.42 -11.37 -8.23
CA PHE A 20 15.75 -11.95 -8.30
C PHE A 20 15.61 -13.49 -8.38
N ALA A 21 16.78 -14.13 -8.49
CA ALA A 21 17.17 -14.95 -9.65
C ALA A 21 16.42 -14.57 -10.94
N GLU A 27 21.60 -11.28 -13.25
CA GLU A 27 22.41 -10.39 -14.09
C GLU A 27 23.92 -10.49 -13.86
N ALA A 28 24.40 -10.49 -12.61
CA ALA A 28 23.64 -10.25 -11.38
C ALA A 28 24.14 -9.00 -10.63
N GLN A 29 25.26 -8.43 -11.09
CA GLN A 29 25.80 -7.19 -10.53
C GLN A 29 24.89 -6.00 -10.86
N LEU A 30 24.26 -5.46 -9.81
CA LEU A 30 23.31 -4.37 -9.98
C LEU A 30 23.84 -2.99 -9.56
N GLN A 31 24.72 -2.48 -10.41
CA GLN A 31 25.01 -1.05 -10.49
C GLN A 31 23.68 -0.33 -10.60
N ALA A 32 22.77 -0.93 -11.37
CA ALA A 32 21.47 -0.36 -11.67
C ALA A 32 20.82 0.32 -10.46
N LEU A 33 20.58 -0.44 -9.40
CA LEU A 33 19.90 0.05 -8.20
C LEU A 33 20.67 1.20 -7.52
N GLN A 34 22.00 1.09 -7.52
CA GLN A 34 22.86 2.13 -6.94
C GLN A 34 22.89 3.39 -7.80
N ASP A 35 23.12 3.20 -9.10
CA ASP A 35 23.12 4.30 -10.07
C ASP A 35 21.82 5.12 -10.00
N LYS A 36 20.69 4.43 -9.97
CA LYS A 36 19.40 5.10 -9.81
C LYS A 36 19.23 5.84 -8.47
N ILE A 37 19.98 5.43 -7.45
CA ILE A 37 20.00 6.14 -6.16
C ILE A 37 20.89 7.39 -6.26
N ARG A 38 22.02 7.27 -6.94
CA ARG A 38 22.89 8.42 -7.17
C ARG A 38 22.17 9.45 -8.03
N ALA A 39 21.45 8.97 -9.04
CA ALA A 39 20.59 9.81 -9.88
C ALA A 39 19.55 10.59 -9.04
N ASN A 40 18.84 9.88 -8.19
CA ASN A 40 17.82 10.48 -7.34
C ASN A 40 17.92 9.91 -5.92
N PRO A 41 18.35 10.73 -4.95
CA PRO A 41 18.62 10.26 -3.59
C PRO A 41 17.52 10.46 -2.54
N GLN A 42 16.50 11.27 -2.82
CA GLN A 42 15.43 11.52 -1.84
C GLN A 42 14.22 10.61 -1.99
N ASN A 43 14.31 9.66 -2.90
CA ASN A 43 13.22 8.71 -3.12
C ASN A 43 13.20 7.55 -2.12
N SER A 44 12.16 7.52 -1.29
CA SER A 44 11.90 6.45 -0.32
C SER A 44 11.99 5.02 -0.89
N GLU A 45 11.18 4.75 -1.92
CA GLU A 45 11.04 3.37 -2.41
C GLU A 45 12.33 2.87 -3.10
N GLN A 46 13.19 3.78 -3.55
CA GLN A 46 14.47 3.40 -4.14
C GLN A 46 15.44 2.79 -3.12
N TRP A 47 15.44 3.35 -1.91
CA TRP A 47 16.26 2.84 -0.82
C TRP A 47 15.68 1.52 -0.28
N ALA A 48 14.36 1.39 -0.38
CA ALA A 48 13.67 0.20 0.11
C ALA A 48 14.01 -0.97 -0.80
N LEU A 49 14.07 -0.70 -2.10
CA LEU A 49 14.48 -1.68 -3.11
C LEU A 49 15.93 -2.16 -2.95
N LEU A 50 16.80 -1.24 -2.56
CA LEU A 50 18.16 -1.55 -2.16
C LEU A 50 18.15 -2.44 -0.92
N GLY A 51 17.33 -2.09 0.07
CA GLY A 51 17.21 -2.90 1.28
C GLY A 51 16.75 -4.30 0.95
N GLU A 52 15.76 -4.38 0.07
CA GLU A 52 15.26 -5.64 -0.46
C GLU A 52 16.33 -6.47 -1.17
N TYR A 53 17.13 -5.87 -2.05
CA TYR A 53 18.25 -6.59 -2.70
C TYR A 53 19.22 -7.21 -1.67
N TYR A 54 19.65 -6.40 -0.72
CA TYR A 54 20.58 -6.85 0.30
C TYR A 54 20.01 -7.93 1.18
N LEU A 55 18.72 -7.82 1.53
CA LEU A 55 18.03 -8.87 2.29
C LEU A 55 18.09 -10.21 1.53
N TRP A 56 17.88 -10.18 0.21
CA TRP A 56 17.92 -11.39 -0.63
C TRP A 56 19.33 -12.01 -0.63
N GLN A 57 20.34 -11.15 -0.62
CA GLN A 57 21.73 -11.57 -0.53
C GLN A 57 22.10 -11.97 0.90
N ASN A 58 21.17 -11.76 1.84
CA ASN A 58 21.38 -12.00 3.27
C ASN A 58 22.48 -11.11 3.85
N ASP A 59 22.61 -9.91 3.28
CA ASP A 59 23.56 -8.93 3.80
C ASP A 59 22.76 -8.05 4.72
N TYR A 60 22.59 -8.51 5.94
CA TYR A 60 21.66 -7.87 6.86
C TYR A 60 22.09 -6.45 7.29
N SER A 61 23.39 -6.28 7.51
CA SER A 61 23.97 -4.96 7.82
C SER A 61 23.65 -3.93 6.77
N ASN A 62 23.94 -4.25 5.51
CA ASN A 62 23.65 -3.34 4.39
C ASN A 62 22.15 -3.17 4.11
N SER A 63 21.39 -4.23 4.33
CA SER A 63 19.94 -4.15 4.23
C SER A 63 19.40 -3.15 5.25
N LEU A 64 19.82 -3.28 6.50
CA LEU A 64 19.37 -2.38 7.56
C LEU A 64 19.68 -0.92 7.25
N LEU A 65 20.87 -0.67 6.71
CA LEU A 65 21.28 0.67 6.34
C LEU A 65 20.35 1.26 5.30
N ALA A 66 20.08 0.47 4.25
CA ALA A 66 19.21 0.94 3.16
C ALA A 66 17.79 1.18 3.62
N TYR A 67 17.26 0.27 4.43
CA TYR A 67 15.90 0.42 4.94
C TYR A 67 15.75 1.60 5.91
N ARG A 68 16.78 1.82 6.71
CA ARG A 68 16.83 2.91 7.65
C ARG A 68 16.72 4.25 6.93
N GLN A 69 17.46 4.38 5.82
CA GLN A 69 17.41 5.56 4.99
C GLN A 69 16.02 5.76 4.37
N ALA A 70 15.48 4.69 3.77
CA ALA A 70 14.12 4.70 3.26
C ALA A 70 13.16 5.31 4.29
N LEU A 71 13.26 4.85 5.54
CA LEU A 71 12.37 5.24 6.65
C LEU A 71 12.61 6.67 7.17
N GLN A 72 13.87 7.11 7.11
CA GLN A 72 14.23 8.49 7.43
C GLN A 72 13.49 9.46 6.53
N LEU A 73 13.47 9.13 5.25
CA LEU A 73 12.83 9.91 4.22
C LEU A 73 11.29 9.89 4.25
N ARG A 74 10.70 8.72 4.50
CA ARG A 74 9.25 8.53 4.37
C ARG A 74 8.49 8.92 5.63
N GLY A 75 9.17 8.83 6.77
CA GLY A 75 8.51 8.93 8.06
C GLY A 75 7.92 7.59 8.41
N GLU A 76 7.28 7.50 9.57
CA GLU A 76 6.67 6.25 10.00
C GLU A 76 5.83 5.63 8.86
N ASN A 77 6.04 4.34 8.63
CA ASN A 77 5.39 3.66 7.54
C ASN A 77 5.43 2.18 7.81
N ALA A 78 4.24 1.57 7.90
CA ALA A 78 4.07 0.17 8.28
C ALA A 78 4.87 -0.84 7.47
N GLU A 79 4.86 -0.72 6.12
CA GLU A 79 5.62 -1.64 5.24
C GLU A 79 7.09 -1.62 5.52
N LEU A 80 7.62 -0.43 5.81
CA LEU A 80 9.05 -0.28 6.13
C LEU A 80 9.39 -0.71 7.55
N TYR A 81 8.52 -0.41 8.50
CA TYR A 81 8.63 -1.01 9.83
C TYR A 81 8.67 -2.55 9.81
N ALA A 82 7.82 -3.16 8.98
CA ALA A 82 7.74 -4.61 8.80
C ALA A 82 8.97 -5.20 8.10
N ALA A 83 9.56 -4.43 7.21
CA ALA A 83 10.74 -4.85 6.46
C ALA A 83 11.97 -4.81 7.37
N LEU A 84 12.17 -3.70 8.05
CA LEU A 84 13.14 -3.63 9.15
C LEU A 84 13.04 -4.82 10.10
N ALA A 85 11.81 -5.14 10.51
CA ALA A 85 11.60 -6.21 11.48
C ALA A 85 12.00 -7.52 10.88
N THR A 86 11.71 -7.71 9.60
CA THR A 86 12.15 -8.89 8.86
C THR A 86 13.71 -9.01 8.85
N VAL A 87 14.38 -7.92 8.51
CA VAL A 87 15.87 -7.93 8.53
C VAL A 87 16.45 -8.24 9.93
N LEU A 88 15.93 -7.57 10.95
CA LEU A 88 16.37 -7.78 12.32
C LEU A 88 16.15 -9.24 12.77
N TYR A 89 14.95 -9.76 12.54
CA TYR A 89 14.63 -11.16 12.83
C TYR A 89 15.56 -12.13 12.15
N TYR A 90 15.87 -11.93 10.87
CA TYR A 90 16.75 -12.85 10.14
C TYR A 90 18.22 -12.69 10.58
N GLN A 91 18.60 -11.44 10.82
CA GLN A 91 19.90 -11.13 11.40
C GLN A 91 20.15 -11.83 12.73
N ALA A 92 19.09 -12.00 13.53
CA ALA A 92 19.15 -12.72 14.79
C ALA A 92 18.84 -14.19 14.58
N SER A 93 19.16 -14.75 13.42
CA SER A 93 18.89 -16.16 13.15
C SER A 93 17.45 -16.63 13.47
N GLN A 94 16.47 -15.81 13.10
CA GLN A 94 15.06 -16.15 13.23
C GLN A 94 14.72 -16.40 14.66
N HIS A 95 15.25 -15.53 15.53
CA HIS A 95 14.87 -15.46 16.94
C HIS A 95 14.32 -14.07 17.22
N MET A 96 13.24 -13.97 17.99
CA MET A 96 12.67 -12.68 18.35
C MET A 96 13.70 -11.94 19.19
N THR A 97 13.53 -10.63 19.23
CA THR A 97 14.52 -9.72 19.71
C THR A 97 13.68 -8.52 20.11
N ALA A 98 14.14 -7.77 21.09
CA ALA A 98 13.48 -6.52 21.45
C ALA A 98 13.40 -5.52 20.28
N GLN A 99 14.49 -5.33 19.54
CA GLN A 99 14.45 -4.47 18.35
C GLN A 99 13.39 -4.96 17.36
N THR A 100 13.36 -6.28 17.17
CA THR A 100 12.45 -6.87 16.22
C THR A 100 11.01 -6.60 16.64
N ARG A 101 10.69 -6.88 17.90
CA ARG A 101 9.32 -6.76 18.33
C ARG A 101 8.84 -5.32 18.25
N ALA A 102 9.74 -4.36 18.49
CA ALA A 102 9.34 -2.95 18.46
C ALA A 102 9.06 -2.50 17.04
N MET A 103 9.84 -2.95 16.06
CA MET A 103 9.54 -2.64 14.65
C MET A 103 8.19 -3.23 14.22
N ILE A 104 7.87 -4.42 14.72
CA ILE A 104 6.58 -5.10 14.46
C ILE A 104 5.41 -4.33 15.10
N ASP A 105 5.64 -3.85 16.34
CA ASP A 105 4.62 -3.10 17.05
C ASP A 105 4.38 -1.75 16.42
N LYS A 106 5.44 -1.12 15.94
CA LYS A 106 5.27 0.11 15.19
C LYS A 106 4.52 -0.11 13.86
N ALA A 107 4.91 -1.15 13.11
CA ALA A 107 4.19 -1.54 11.89
C ALA A 107 2.70 -1.68 12.11
N LEU A 108 2.33 -2.42 13.16
CA LEU A 108 0.94 -2.78 13.36
C LEU A 108 0.11 -1.65 13.94
N ALA A 109 0.78 -0.56 14.30
CA ALA A 109 0.13 0.60 14.88
C ALA A 109 -0.28 1.50 13.73
N LEU A 110 0.40 1.35 12.61
CA LEU A 110 0.07 2.11 11.44
C LEU A 110 -0.86 1.35 10.49
N ASP A 111 -0.90 0.02 10.64
CA ASP A 111 -1.68 -0.86 9.77
C ASP A 111 -1.85 -2.18 10.49
N SER A 112 -3.02 -2.34 11.10
CA SER A 112 -3.32 -3.52 11.91
C SER A 112 -3.35 -4.81 11.08
N ASN A 113 -3.37 -4.69 9.75
CA ASN A 113 -3.39 -5.84 8.86
C ASN A 113 -2.14 -6.00 8.00
N GLU A 114 -1.04 -5.41 8.42
CA GLU A 114 0.23 -5.51 7.70
C GLU A 114 0.67 -6.95 7.77
N ILE A 115 0.64 -7.62 6.63
CA ILE A 115 0.75 -9.08 6.53
C ILE A 115 2.17 -9.55 6.82
N THR A 116 3.16 -8.79 6.36
CA THR A 116 4.54 -9.08 6.62
C THR A 116 4.77 -9.15 8.14
N ALA A 117 4.19 -8.20 8.89
CA ALA A 117 4.34 -8.19 10.34
C ALA A 117 3.57 -9.35 10.98
N LEU A 118 2.32 -9.56 10.55
CA LEU A 118 1.49 -10.65 11.04
C LEU A 118 2.13 -12.00 10.77
N MET A 119 2.79 -12.14 9.63
CA MET A 119 3.36 -13.45 9.31
C MET A 119 4.62 -13.75 10.11
N LEU A 120 5.38 -12.71 10.43
CA LEU A 120 6.52 -12.85 11.37
C LEU A 120 5.98 -13.18 12.78
N LEU A 121 4.95 -12.49 13.21
CA LEU A 121 4.45 -12.80 14.55
C LEU A 121 3.97 -14.24 14.64
N ALA A 122 3.12 -14.69 13.71
CA ALA A 122 2.61 -16.06 13.66
C ALA A 122 3.66 -17.12 13.73
N SER A 123 4.69 -16.98 12.87
CA SER A 123 5.74 -17.96 12.74
C SER A 123 6.55 -18.01 14.03
N ASP A 124 6.75 -16.86 14.66
CA ASP A 124 7.56 -16.84 15.85
C ASP A 124 6.78 -17.48 17.00
N ALA A 125 5.48 -17.17 17.10
CA ALA A 125 4.60 -17.84 18.07
C ALA A 125 4.74 -19.36 17.91
N PHE A 126 4.67 -19.83 16.67
CA PHE A 126 4.84 -21.25 16.38
C PHE A 126 6.16 -21.77 16.93
N MET A 127 7.23 -21.00 16.75
CA MET A 127 8.55 -21.52 17.13
C MET A 127 8.70 -21.52 18.67
N GLN A 128 7.92 -20.69 19.34
CA GLN A 128 7.89 -20.60 20.82
C GLN A 128 6.80 -21.48 21.42
N ALA A 129 6.10 -22.24 20.57
CA ALA A 129 5.08 -23.22 20.99
C ALA A 129 3.80 -22.60 21.45
N ASN A 130 3.58 -21.32 21.07
CA ASN A 130 2.31 -20.67 21.40
C ASN A 130 1.38 -20.90 20.23
N TYR A 131 1.04 -22.15 20.00
CA TYR A 131 0.28 -22.53 18.79
C TYR A 131 -1.05 -21.84 18.65
N ALA A 132 -1.70 -21.58 19.75
CA ALA A 132 -3.00 -20.94 19.75
C ALA A 132 -2.89 -19.52 19.20
N GLN A 133 -1.77 -18.86 19.50
CA GLN A 133 -1.51 -17.52 18.99
C GLN A 133 -1.15 -17.58 17.51
N ALA A 134 -0.30 -18.54 17.15
CA ALA A 134 0.06 -18.77 15.76
C ALA A 134 -1.17 -18.99 14.86
N ILE A 135 -1.99 -19.97 15.21
CA ILE A 135 -3.31 -20.22 14.62
C ILE A 135 -4.17 -18.98 14.48
N GLU A 136 -4.37 -18.24 15.57
CA GLU A 136 -5.18 -17.02 15.56
C GLU A 136 -4.65 -15.99 14.53
N LEU A 137 -3.34 -15.82 14.50
CA LEU A 137 -2.70 -14.90 13.56
C LEU A 137 -2.80 -15.39 12.13
N TRP A 138 -2.53 -16.67 11.87
CA TRP A 138 -2.66 -17.22 10.51
C TRP A 138 -4.11 -17.20 10.03
N GLN A 139 -5.05 -17.39 10.95
CA GLN A 139 -6.49 -17.20 10.64
C GLN A 139 -6.86 -15.75 10.34
N LYS A 140 -6.31 -14.81 11.12
CA LYS A 140 -6.50 -13.39 10.88
C LYS A 140 -6.05 -13.04 9.46
N VAL A 141 -4.85 -13.50 9.08
CA VAL A 141 -4.33 -13.32 7.71
C VAL A 141 -5.24 -13.97 6.65
N MET A 142 -5.57 -15.24 6.84
CA MET A 142 -6.52 -15.94 5.98
C MET A 142 -7.81 -15.15 5.79
N ASP A 143 -8.33 -14.59 6.89
CA ASP A 143 -9.56 -13.81 6.89
C ASP A 143 -9.44 -12.55 6.02
N LEU A 144 -8.21 -12.14 5.74
CA LEU A 144 -8.01 -10.95 4.93
C LEU A 144 -8.29 -11.16 3.44
N ASN A 145 -8.38 -12.42 3.02
CA ASN A 145 -8.67 -12.76 1.62
C ASN A 145 -7.69 -12.02 0.70
N SER A 146 -6.42 -12.11 1.04
CA SER A 146 -5.37 -11.32 0.39
C SER A 146 -4.67 -12.14 -0.69
N PRO A 147 -4.35 -11.51 -1.84
CA PRO A 147 -3.67 -12.25 -2.90
C PRO A 147 -2.23 -12.52 -2.50
N ARG A 148 -1.86 -12.03 -1.33
CA ARG A 148 -0.47 -12.01 -0.88
C ARG A 148 0.03 -13.38 -0.42
N ILE A 149 -0.78 -14.10 0.36
CA ILE A 149 -0.32 -15.34 0.91
C ILE A 149 -1.09 -16.49 0.26
N ASN A 150 -0.35 -17.51 -0.14
CA ASN A 150 -0.92 -18.77 -0.62
C ASN A 150 -1.82 -19.37 0.47
N ARG A 151 -3.13 -19.45 0.23
CA ARG A 151 -4.06 -19.87 1.29
C ARG A 151 -3.86 -21.31 1.77
N THR A 152 -3.38 -22.17 0.87
CA THR A 152 -3.13 -23.57 1.23
C THR A 152 -1.95 -23.65 2.19
N GLN A 153 -1.08 -22.63 2.13
CA GLN A 153 0.04 -22.55 3.03
C GLN A 153 -0.43 -22.24 4.45
N LEU A 154 -1.31 -21.25 4.59
CA LEU A 154 -1.95 -20.92 5.84
C LEU A 154 -2.73 -22.09 6.46
N VAL A 155 -3.47 -22.82 5.63
CA VAL A 155 -4.24 -23.96 6.10
C VAL A 155 -3.27 -25.01 6.66
N GLU A 156 -2.23 -25.30 5.89
CA GLU A 156 -1.19 -26.27 6.29
C GLU A 156 -0.42 -25.88 7.55
N SER A 157 -0.09 -24.59 7.67
CA SER A 157 0.64 -24.09 8.83
C SER A 157 -0.25 -24.26 10.07
N ILE A 158 -1.54 -23.94 9.94
CA ILE A 158 -2.53 -24.07 11.01
C ILE A 158 -2.77 -25.54 11.44
N ASN A 159 -2.90 -26.43 10.48
CA ASN A 159 -2.99 -27.85 10.78
C ASN A 159 -1.77 -28.44 11.50
N MET A 160 -0.55 -28.00 11.13
CA MET A 160 0.68 -28.37 11.85
C MET A 160 0.68 -27.87 13.32
N ALA A 161 0.26 -26.62 13.51
CA ALA A 161 0.17 -26.05 14.84
C ALA A 161 -0.83 -26.82 15.68
N LYS A 162 -1.94 -27.22 15.06
CA LYS A 162 -2.95 -28.08 15.67
C LYS A 162 -2.41 -29.44 16.11
N LEU A 163 -1.70 -30.12 15.22
CA LEU A 163 -1.03 -31.39 15.52
C LEU A 163 -0.02 -31.22 16.66
N LEU A 164 0.74 -30.14 16.63
CA LEU A 164 1.80 -29.96 17.62
C LEU A 164 1.18 -29.56 18.95
N GLN A 165 0.12 -28.79 18.91
CA GLN A 165 -0.66 -28.53 20.15
C GLN A 165 -1.09 -29.86 20.78
N ARG A 166 -1.77 -30.73 20.03
CA ARG A 166 -2.29 -32.01 20.62
C ARG A 166 -1.18 -32.84 21.24
N ARG A 167 -0.03 -32.92 20.57
CA ARG A 167 1.11 -33.70 21.07
C ARG A 167 1.60 -33.12 22.38
N SER A 168 1.57 -31.79 22.49
CA SER A 168 2.00 -31.12 23.72
C SER A 168 1.04 -31.38 24.83
N ASP A 169 -0.26 -31.26 24.52
CA ASP A 169 -1.34 -31.61 25.46
C ASP A 169 -1.15 -33.02 25.96
N LEU A 170 -0.90 -33.95 25.04
CA LEU A 170 -0.73 -35.34 25.40
C LEU A 170 0.56 -35.54 26.22
N GLU A 171 1.69 -34.98 25.80
CA GLU A 171 2.90 -35.23 26.58
C GLU A 171 2.86 -34.68 28.01
N HIS A 172 2.15 -33.57 28.19
CA HIS A 172 2.07 -32.89 29.49
C HIS A 172 0.83 -33.21 30.24
N HIS A 173 -0.02 -34.02 29.62
CA HIS A 173 -1.30 -34.37 30.24
C HIS A 173 -2.14 -33.10 30.47
N HIS A 174 -2.01 -32.19 29.51
CA HIS A 174 -2.60 -30.88 29.59
C HIS A 174 -3.68 -30.75 28.52
N HIS A 175 -4.87 -31.31 28.75
CA HIS A 175 -5.83 -31.54 27.66
C HIS A 175 -6.82 -30.39 27.48
N HIS A 176 -6.78 -29.43 28.41
CA HIS A 176 -7.68 -28.31 28.51
C HIS A 176 -6.95 -27.05 28.04
N HIS A 177 -7.69 -25.96 27.95
CA HIS A 177 -7.06 -24.67 27.61
C HIS A 177 -7.92 -23.53 28.07
N LYS B 2 -20.02 43.68 -6.30
CA LYS B 2 -20.26 42.57 -7.27
C LYS B 2 -20.45 43.14 -8.68
N TRP B 3 -21.02 42.33 -9.59
CA TRP B 3 -21.50 42.82 -10.89
C TRP B 3 -23.00 42.59 -11.13
N GLN B 4 -23.54 41.38 -10.94
CA GLN B 4 -22.96 40.22 -10.25
C GLN B 4 -21.78 39.52 -10.92
N ALA B 5 -20.71 39.35 -10.14
CA ALA B 5 -19.49 38.66 -10.55
C ALA B 5 -18.82 38.09 -9.32
N VAL B 6 -19.32 36.94 -8.89
CA VAL B 6 -18.76 36.15 -7.81
C VAL B 6 -18.14 34.88 -8.44
N ARG B 7 -18.45 34.70 -9.72
CA ARG B 7 -18.08 33.53 -10.53
C ARG B 7 -18.94 32.32 -10.18
N ALA B 8 -19.80 31.93 -11.10
CA ALA B 8 -20.63 30.74 -10.92
C ALA B 8 -19.77 29.48 -10.93
N GLU B 9 -20.13 28.52 -10.07
CA GLU B 9 -19.38 27.25 -9.97
C GLU B 9 -20.21 26.16 -9.33
N TYR B 10 -20.08 24.94 -9.85
CA TYR B 10 -20.83 23.79 -9.31
C TYR B 10 -19.92 22.82 -8.56
N GLN B 11 -20.44 21.65 -8.17
CA GLN B 11 -19.68 20.62 -7.46
C GLN B 11 -18.58 19.96 -8.32
N ARG B 12 -18.23 18.71 -8.00
CA ARG B 12 -17.18 17.99 -8.73
C ARG B 12 -17.51 16.50 -8.96
N GLN B 13 -16.66 15.61 -8.44
CA GLN B 13 -17.02 14.19 -8.30
C GLN B 13 -16.51 13.52 -7.00
N ARG B 14 -15.55 14.15 -6.28
CA ARG B 14 -15.38 13.81 -4.86
C ARG B 14 -15.93 14.83 -3.84
N ASP B 15 -16.14 16.07 -4.26
CA ASP B 15 -16.92 16.99 -3.40
C ASP B 15 -18.36 16.49 -3.20
N PRO B 16 -19.01 16.01 -4.28
CA PRO B 16 -20.27 15.32 -4.09
C PRO B 16 -20.09 14.06 -3.26
N LEU B 17 -19.03 13.31 -3.53
CA LEU B 17 -18.75 12.07 -2.83
C LEU B 17 -18.53 12.33 -1.33
N HIS B 18 -17.80 13.42 -1.02
CA HIS B 18 -17.74 13.94 0.34
C HIS B 18 -19.05 14.67 0.63
N GLN B 19 -20.13 13.88 0.73
CA GLN B 19 -21.40 14.31 1.33
C GLN B 19 -21.51 13.72 2.75
N PHE B 20 -20.35 13.34 3.29
CA PHE B 20 -20.11 13.41 4.74
C PHE B 20 -19.44 14.81 4.93
N ALA B 21 -19.18 15.31 6.13
CA ALA B 21 -20.10 15.79 7.16
C ALA B 21 -21.50 16.14 6.63
N GLU B 27 -24.35 12.18 10.93
CA GLU B 27 -25.37 11.36 11.57
C GLU B 27 -24.99 10.83 12.97
N ALA B 28 -23.78 10.28 13.16
CA ALA B 28 -22.79 9.97 12.10
C ALA B 28 -22.50 8.46 12.03
N GLN B 29 -23.02 7.69 12.98
CA GLN B 29 -22.90 6.22 12.98
C GLN B 29 -23.73 5.60 11.85
N LEU B 30 -23.01 5.05 10.87
CA LEU B 30 -23.66 4.47 9.68
C LEU B 30 -23.70 2.95 9.66
N GLN B 31 -24.60 2.44 10.51
CA GLN B 31 -25.16 1.11 10.36
C GLN B 31 -25.64 0.99 8.92
N ALA B 32 -26.21 2.08 8.42
CA ALA B 32 -26.83 2.14 7.11
C ALA B 32 -26.03 1.40 6.03
N LEU B 33 -24.77 1.83 5.82
CA LEU B 33 -23.91 1.27 4.78
C LEU B 33 -23.62 -0.22 5.01
N GLN B 34 -23.48 -0.61 6.27
CA GLN B 34 -23.22 -2.02 6.63
C GLN B 34 -24.49 -2.87 6.46
N ASP B 35 -25.60 -2.39 7.00
CA ASP B 35 -26.90 -3.05 6.87
C ASP B 35 -27.23 -3.33 5.40
N LYS B 36 -27.06 -2.32 4.55
CA LYS B 36 -27.28 -2.48 3.12
C LYS B 36 -26.32 -3.49 2.45
N ILE B 37 -25.16 -3.73 3.05
CA ILE B 37 -24.22 -4.75 2.57
C ILE B 37 -24.67 -6.14 3.03
N ARG B 38 -25.16 -6.23 4.27
CA ARG B 38 -25.70 -7.50 4.77
C ARG B 38 -26.94 -7.87 3.97
N ALA B 39 -27.77 -6.88 3.66
CA ALA B 39 -28.94 -7.04 2.79
C ALA B 39 -28.54 -7.61 1.41
N ASN B 40 -27.56 -6.98 0.78
CA ASN B 40 -27.07 -7.41 -0.53
C ASN B 40 -25.54 -7.38 -0.57
N PRO B 41 -24.90 -8.56 -0.61
CA PRO B 41 -23.45 -8.67 -0.51
C PRO B 41 -22.65 -8.76 -1.83
N GLN B 42 -23.30 -9.04 -2.96
CA GLN B 42 -22.58 -9.16 -4.24
C GLN B 42 -22.51 -7.87 -5.06
N ASN B 43 -23.00 -6.79 -4.48
CA ASN B 43 -22.96 -5.48 -5.14
C ASN B 43 -21.60 -4.76 -5.01
N SER B 44 -20.92 -4.62 -6.15
CA SER B 44 -19.66 -3.89 -6.27
C SER B 44 -19.66 -2.49 -5.63
N GLU B 45 -20.58 -1.64 -6.06
CA GLU B 45 -20.55 -0.23 -5.69
C GLU B 45 -20.89 -0.03 -4.19
N GLN B 46 -21.55 -1.00 -3.58
CA GLN B 46 -21.86 -0.95 -2.15
C GLN B 46 -20.60 -1.09 -1.27
N TRP B 47 -19.68 -1.94 -1.71
CA TRP B 47 -18.41 -2.12 -1.01
C TRP B 47 -17.49 -0.92 -1.26
N ALA B 48 -17.64 -0.31 -2.42
CA ALA B 48 -16.85 0.84 -2.81
C ALA B 48 -17.23 2.02 -1.92
N LEU B 49 -18.53 2.19 -1.70
CA LEU B 49 -19.06 3.21 -0.78
C LEU B 49 -18.60 3.04 0.67
N LEU B 50 -18.50 1.78 1.12
CA LEU B 50 -17.88 1.46 2.39
C LEU B 50 -16.40 1.88 2.37
N GLY B 51 -15.69 1.55 1.29
CA GLY B 51 -14.28 1.93 1.16
C GLY B 51 -14.14 3.44 1.26
N GLU B 52 -15.01 4.15 0.53
CA GLU B 52 -15.11 5.60 0.59
C GLU B 52 -15.36 6.16 2.00
N TYR B 53 -16.32 5.60 2.74
CA TYR B 53 -16.55 6.03 4.13
C TYR B 53 -15.30 5.91 5.03
N TYR B 54 -14.68 4.73 4.98
CA TYR B 54 -13.47 4.49 5.75
C TYR B 54 -12.31 5.39 5.36
N LEU B 55 -12.16 5.65 4.06
CA LEU B 55 -11.14 6.59 3.58
C LEU B 55 -11.36 8.00 4.21
N TRP B 56 -12.61 8.45 4.27
CA TRP B 56 -12.94 9.75 4.85
C TRP B 56 -12.59 9.78 6.34
N GLN B 57 -12.81 8.66 7.03
CA GLN B 57 -12.44 8.49 8.44
C GLN B 57 -10.94 8.27 8.59
N ASN B 58 -10.23 8.14 7.47
CA ASN B 58 -8.79 7.83 7.45
C ASN B 58 -8.48 6.46 8.09
N ASP B 59 -9.41 5.52 7.91
CA ASP B 59 -9.21 4.17 8.39
C ASP B 59 -8.74 3.40 7.20
N TYR B 60 -7.46 3.53 6.91
CA TYR B 60 -6.91 3.00 5.66
C TYR B 60 -7.01 1.45 5.53
N SER B 61 -6.74 0.76 6.63
CA SER B 61 -6.87 -0.71 6.69
C SER B 61 -8.25 -1.17 6.29
N ASN B 62 -9.27 -0.60 6.92
CA ASN B 62 -10.66 -0.96 6.63
C ASN B 62 -11.11 -0.48 5.24
N SER B 63 -10.61 0.68 4.84
CA SER B 63 -10.86 1.15 3.49
C SER B 63 -10.34 0.15 2.46
N LEU B 64 -9.10 -0.29 2.65
CA LEU B 64 -8.48 -1.24 1.71
C LEU B 64 -9.26 -2.53 1.60
N LEU B 65 -9.72 -3.04 2.75
CA LEU B 65 -10.52 -4.26 2.79
C LEU B 65 -11.79 -4.12 1.98
N ALA B 66 -12.49 -2.99 2.17
CA ALA B 66 -13.76 -2.76 1.47
C ALA B 66 -13.56 -2.58 -0.03
N TYR B 67 -12.54 -1.82 -0.42
CA TYR B 67 -12.23 -1.64 -1.83
C TYR B 67 -11.76 -2.93 -2.53
N ARG B 68 -11.03 -3.75 -1.80
CA ARG B 68 -10.53 -5.01 -2.29
C ARG B 68 -11.71 -5.91 -2.66
N GLN B 69 -12.70 -5.96 -1.78
CA GLN B 69 -13.90 -6.73 -2.01
C GLN B 69 -14.69 -6.21 -3.23
N ALA B 70 -14.92 -4.90 -3.28
CA ALA B 70 -15.51 -4.25 -4.45
C ALA B 70 -14.86 -4.76 -5.73
N LEU B 71 -13.53 -4.76 -5.76
CA LEU B 71 -12.73 -5.11 -6.95
C LEU B 71 -12.72 -6.62 -7.28
N GLN B 72 -12.83 -7.44 -6.24
CA GLN B 72 -13.00 -8.89 -6.38
C GLN B 72 -14.25 -9.20 -7.19
N LEU B 73 -15.32 -8.50 -6.84
CA LEU B 73 -16.62 -8.66 -7.44
C LEU B 73 -16.74 -8.10 -8.87
N ARG B 74 -16.14 -6.92 -9.11
CA ARG B 74 -16.30 -6.20 -10.36
C ARG B 74 -15.34 -6.65 -11.46
N GLY B 75 -14.19 -7.17 -11.04
CA GLY B 75 -13.09 -7.43 -11.96
C GLY B 75 -12.35 -6.13 -12.17
N GLU B 76 -11.29 -6.18 -12.99
CA GLU B 76 -10.50 -5.00 -13.27
C GLU B 76 -11.39 -3.79 -13.61
N ASN B 77 -11.11 -2.66 -12.97
CA ASN B 77 -11.95 -1.49 -13.13
C ASN B 77 -11.17 -0.28 -12.70
N ALA B 78 -10.97 0.66 -13.63
CA ALA B 78 -10.15 1.84 -13.44
C ALA B 78 -10.45 2.68 -12.21
N GLU B 79 -11.73 2.99 -11.96
CA GLU B 79 -12.15 3.83 -10.78
C GLU B 79 -11.76 3.17 -9.49
N LEU B 80 -11.90 1.85 -9.43
CA LEU B 80 -11.51 1.09 -8.23
C LEU B 80 -10.01 0.92 -8.09
N TYR B 81 -9.31 0.69 -9.19
CA TYR B 81 -7.85 0.77 -9.16
C TYR B 81 -7.31 2.11 -8.64
N ALA B 82 -7.92 3.22 -9.08
CA ALA B 82 -7.56 4.58 -8.68
C ALA B 82 -7.89 4.85 -7.22
N ALA B 83 -8.96 4.24 -6.71
CA ALA B 83 -9.37 4.42 -5.32
C ALA B 83 -8.44 3.64 -4.37
N LEU B 84 -8.15 2.39 -4.70
CA LEU B 84 -7.10 1.63 -4.04
C LEU B 84 -5.79 2.41 -3.97
N ALA B 85 -5.40 3.02 -5.09
CA ALA B 85 -4.14 3.76 -5.16
C ALA B 85 -4.21 4.95 -4.25
N THR B 86 -5.34 5.63 -4.24
CA THR B 86 -5.56 6.73 -3.30
C THR B 86 -5.35 6.24 -1.84
N VAL B 87 -5.99 5.14 -1.47
CA VAL B 87 -5.87 4.61 -0.07
C VAL B 87 -4.42 4.25 0.28
N LEU B 88 -3.77 3.51 -0.60
CA LEU B 88 -2.37 3.14 -0.43
C LEU B 88 -1.46 4.38 -0.27
N TYR B 89 -1.63 5.35 -1.14
CA TYR B 89 -0.85 6.60 -1.09
C TYR B 89 -1.03 7.33 0.22
N TYR B 90 -2.28 7.44 0.71
CA TYR B 90 -2.54 8.15 1.95
C TYR B 90 -2.04 7.33 3.14
N GLN B 91 -2.21 6.02 3.08
CA GLN B 91 -1.67 5.11 4.06
C GLN B 91 -0.16 5.23 4.22
N ALA B 92 0.54 5.49 3.11
CA ALA B 92 1.97 5.72 3.14
C ALA B 92 2.28 7.19 3.35
N SER B 93 1.42 7.92 4.06
CA SER B 93 1.64 9.35 4.31
C SER B 93 1.98 10.19 3.06
N GLN B 94 1.25 9.93 1.97
CA GLN B 94 1.37 10.69 0.74
C GLN B 94 2.75 10.59 0.18
N HIS B 95 3.30 9.37 0.23
CA HIS B 95 4.55 9.02 -0.45
C HIS B 95 4.26 7.91 -1.44
N MET B 96 4.87 7.97 -2.64
CA MET B 96 4.67 6.94 -3.63
C MET B 96 5.26 5.67 -3.10
N THR B 97 4.80 4.56 -3.66
CA THR B 97 5.01 3.26 -3.13
C THR B 97 4.86 2.39 -4.36
N ALA B 98 5.55 1.24 -4.37
CA ALA B 98 5.38 0.27 -5.45
C ALA B 98 3.93 -0.23 -5.57
N GLN B 99 3.27 -0.56 -4.47
CA GLN B 99 1.84 -0.93 -4.51
C GLN B 99 1.01 0.20 -5.13
N THR B 100 1.27 1.43 -4.70
CA THR B 100 0.53 2.58 -5.18
C THR B 100 0.71 2.73 -6.69
N ARG B 101 1.95 2.65 -7.18
CA ARG B 101 2.18 2.94 -8.58
C ARG B 101 1.56 1.88 -9.45
N ALA B 102 1.51 0.63 -8.97
CA ALA B 102 0.93 -0.45 -9.76
C ALA B 102 -0.59 -0.31 -9.85
N MET B 103 -1.24 0.10 -8.77
CA MET B 103 -2.70 0.38 -8.84
C MET B 103 -3.02 1.51 -9.83
N ILE B 104 -2.15 2.53 -9.87
CA ILE B 104 -2.26 3.66 -10.80
C ILE B 104 -2.05 3.21 -12.26
N ASP B 105 -1.06 2.32 -12.45
CA ASP B 105 -0.75 1.82 -13.78
C ASP B 105 -1.84 0.91 -14.29
N LYS B 106 -2.43 0.13 -13.40
CA LYS B 106 -3.59 -0.67 -13.77
C LYS B 106 -4.81 0.20 -14.09
N ALA B 107 -5.11 1.20 -13.26
CA ALA B 107 -6.16 2.19 -13.56
C ALA B 107 -6.02 2.79 -14.96
N LEU B 108 -4.83 3.25 -15.29
CA LEU B 108 -4.63 4.00 -16.52
C LEU B 108 -4.58 3.13 -17.75
N ALA B 109 -4.57 1.82 -17.53
CA ALA B 109 -4.52 0.86 -18.62
C ALA B 109 -5.95 0.58 -19.03
N LEU B 110 -6.87 0.81 -18.10
CA LEU B 110 -8.28 0.62 -18.39
C LEU B 110 -8.97 1.92 -18.82
N ASP B 111 -8.36 3.04 -18.47
CA ASP B 111 -8.92 4.36 -18.78
C ASP B 111 -7.77 5.37 -18.67
N SER B 112 -7.27 5.75 -19.84
CA SER B 112 -6.12 6.65 -19.93
C SER B 112 -6.42 8.05 -19.39
N ASN B 113 -7.69 8.36 -19.15
CA ASN B 113 -8.10 9.66 -18.63
C ASN B 113 -8.73 9.61 -17.26
N GLU B 114 -8.45 8.56 -16.49
CA GLU B 114 -8.98 8.41 -15.13
C GLU B 114 -8.35 9.50 -14.30
N ILE B 115 -9.18 10.43 -13.85
CA ILE B 115 -8.73 11.73 -13.28
C ILE B 115 -8.15 11.54 -11.87
N THR B 116 -8.79 10.66 -11.10
CA THR B 116 -8.29 10.32 -9.81
C THR B 116 -6.84 9.84 -9.92
N ALA B 117 -6.56 8.96 -10.86
CA ALA B 117 -5.19 8.46 -11.03
C ALA B 117 -4.25 9.56 -11.53
N LEU B 118 -4.68 10.31 -12.53
CA LEU B 118 -3.92 11.43 -13.09
C LEU B 118 -3.59 12.48 -12.03
N MET B 119 -4.52 12.74 -11.13
CA MET B 119 -4.29 13.77 -10.12
C MET B 119 -3.34 13.32 -9.00
N LEU B 120 -3.37 12.03 -8.66
CA LEU B 120 -2.34 11.45 -7.78
C LEU B 120 -0.95 11.51 -8.46
N LEU B 121 -0.87 11.13 -9.72
CA LEU B 121 0.43 11.19 -10.40
C LEU B 121 0.97 12.59 -10.44
N ALA B 122 0.18 13.56 -10.90
CA ALA B 122 0.58 15.01 -10.93
C ALA B 122 1.13 15.53 -9.65
N SER B 123 0.38 15.32 -8.55
CA SER B 123 0.71 15.80 -7.24
C SER B 123 1.98 15.17 -6.74
N ASP B 124 2.18 13.89 -7.05
CA ASP B 124 3.36 13.22 -6.57
C ASP B 124 4.58 13.73 -7.36
N ALA B 125 4.43 13.88 -8.67
CA ALA B 125 5.51 14.49 -9.51
C ALA B 125 5.92 15.83 -8.87
N PHE B 126 4.95 16.66 -8.53
CA PHE B 126 5.20 17.94 -7.85
C PHE B 126 6.02 17.73 -6.58
N MET B 127 5.65 16.74 -5.77
CA MET B 127 6.34 16.58 -4.48
C MET B 127 7.79 16.05 -4.69
N GLN B 128 8.01 15.35 -5.80
CA GLN B 128 9.35 14.87 -6.16
C GLN B 128 10.12 15.88 -7.03
N ALA B 129 9.56 17.08 -7.20
CA ALA B 129 10.22 18.16 -7.99
C ALA B 129 10.28 17.90 -9.47
N ASN B 130 9.46 16.97 -9.98
CA ASN B 130 9.41 16.78 -11.42
C ASN B 130 8.34 17.67 -11.97
N TYR B 131 8.54 18.98 -11.87
CA TYR B 131 7.47 19.95 -12.19
C TYR B 131 6.96 19.86 -13.62
N ALA B 132 7.86 19.53 -14.54
CA ALA B 132 7.51 19.45 -15.94
C ALA B 132 6.51 18.33 -16.17
N GLN B 133 6.68 17.24 -15.43
CA GLN B 133 5.72 16.14 -15.46
C GLN B 133 4.40 16.52 -14.78
N ALA B 134 4.49 17.17 -13.63
CA ALA B 134 3.31 17.66 -12.93
C ALA B 134 2.43 18.56 -13.81
N ILE B 135 3.04 19.62 -14.33
CA ILE B 135 2.44 20.50 -15.33
C ILE B 135 1.79 19.76 -16.49
N GLU B 136 2.53 18.85 -17.13
CA GLU B 136 2.01 18.07 -18.26
C GLU B 136 0.72 17.31 -17.86
N LEU B 137 0.75 16.69 -16.71
CA LEU B 137 -0.40 15.94 -16.19
C LEU B 137 -1.55 16.85 -15.85
N TRP B 138 -1.29 17.96 -15.15
CA TRP B 138 -2.38 18.90 -14.81
C TRP B 138 -2.98 19.56 -16.05
N GLN B 139 -2.15 19.79 -17.06
CA GLN B 139 -2.63 20.23 -18.37
C GLN B 139 -3.47 19.17 -19.08
N LYS B 140 -3.02 17.92 -19.07
CA LYS B 140 -3.79 16.80 -19.66
C LYS B 140 -5.17 16.78 -19.04
N VAL B 141 -5.25 16.89 -17.69
CA VAL B 141 -6.55 16.93 -16.97
C VAL B 141 -7.38 18.15 -17.38
N MET B 142 -6.77 19.33 -17.34
CA MET B 142 -7.41 20.56 -17.81
C MET B 142 -7.99 20.40 -19.21
N ASP B 143 -7.22 19.75 -20.10
CA ASP B 143 -7.63 19.51 -21.48
C ASP B 143 -8.87 18.62 -21.57
N LEU B 144 -9.15 17.90 -20.49
CA LEU B 144 -10.32 17.03 -20.50
C LEU B 144 -11.64 17.78 -20.39
N ASN B 145 -11.58 19.07 -20.01
CA ASN B 145 -12.78 19.90 -19.86
C ASN B 145 -13.82 19.16 -18.99
N SER B 146 -13.37 18.67 -17.84
CA SER B 146 -14.17 17.79 -16.98
C SER B 146 -14.81 18.60 -15.87
N PRO B 147 -16.07 18.28 -15.51
CA PRO B 147 -16.72 19.01 -14.42
C PRO B 147 -16.12 18.60 -13.08
N ARG B 148 -15.17 17.67 -13.14
CA ARG B 148 -14.63 17.02 -11.96
C ARG B 148 -13.67 17.90 -11.16
N ILE B 149 -12.77 18.58 -11.86
CA ILE B 149 -11.76 19.35 -11.15
C ILE B 149 -11.99 20.82 -11.39
N ASN B 150 -11.96 21.59 -10.30
CA ASN B 150 -11.99 23.06 -10.35
C ASN B 150 -10.84 23.58 -11.22
N ARG B 151 -11.16 24.22 -12.35
CA ARG B 151 -10.13 24.59 -13.32
C ARG B 151 -9.14 25.64 -12.81
N THR B 152 -9.60 26.51 -11.92
CA THR B 152 -8.74 27.52 -11.33
C THR B 152 -7.72 26.85 -10.40
N GLN B 153 -8.07 25.69 -9.86
CA GLN B 153 -7.16 24.93 -9.04
C GLN B 153 -5.99 24.40 -9.89
N LEU B 154 -6.31 23.80 -11.04
CA LEU B 154 -5.32 23.34 -12.00
C LEU B 154 -4.39 24.45 -12.49
N VAL B 155 -4.96 25.62 -12.78
CA VAL B 155 -4.17 26.75 -13.25
C VAL B 155 -3.20 27.15 -12.13
N GLU B 156 -3.72 27.27 -10.92
CA GLU B 156 -2.90 27.63 -9.74
C GLU B 156 -1.82 26.60 -9.39
N SER B 157 -2.14 25.31 -9.51
CA SER B 157 -1.15 24.27 -9.25
C SER B 157 -0.03 24.37 -10.29
N ILE B 158 -0.40 24.56 -11.56
CA ILE B 158 0.56 24.72 -12.68
C ILE B 158 1.44 25.98 -12.51
N ASN B 159 0.85 27.10 -12.17
CA ASN B 159 1.66 28.29 -11.89
C ASN B 159 2.65 28.14 -10.72
N MET B 160 2.26 27.44 -9.66
CA MET B 160 3.20 27.10 -8.56
C MET B 160 4.38 26.20 -9.03
N ALA B 161 4.07 25.19 -9.84
CA ALA B 161 5.09 24.32 -10.36
C ALA B 161 6.06 25.10 -11.23
N LYS B 162 5.54 26.07 -11.97
CA LYS B 162 6.33 26.96 -12.83
C LYS B 162 7.28 27.84 -12.00
N LEU B 163 6.76 28.45 -10.94
CA LEU B 163 7.54 29.25 -9.98
C LEU B 163 8.63 28.38 -9.34
N LEU B 164 8.28 27.16 -8.95
CA LEU B 164 9.23 26.30 -8.25
C LEU B 164 10.27 25.77 -9.24
N GLN B 165 9.86 25.50 -10.46
CA GLN B 165 10.87 25.18 -11.51
C GLN B 165 11.88 26.32 -11.66
N ARG B 166 11.43 27.54 -11.89
CA ARG B 166 12.36 28.68 -12.04
C ARG B 166 13.35 28.81 -10.89
N ARG B 167 12.87 28.68 -9.67
CA ARG B 167 13.73 28.79 -8.48
C ARG B 167 14.78 27.69 -8.46
N SER B 168 14.38 26.49 -8.89
CA SER B 168 15.32 25.36 -9.01
C SER B 168 16.36 25.61 -10.05
N ASP B 169 15.91 26.07 -11.22
CA ASP B 169 16.79 26.46 -12.31
C ASP B 169 17.78 27.48 -11.79
N LEU B 170 17.29 28.49 -11.09
CA LEU B 170 18.16 29.55 -10.59
C LEU B 170 19.11 29.01 -9.52
N GLU B 171 18.64 28.22 -8.56
CA GLU B 171 19.57 27.78 -7.52
C GLU B 171 20.66 26.85 -8.01
N HIS B 172 20.36 26.08 -9.06
CA HIS B 172 21.33 25.12 -9.63
C HIS B 172 22.01 25.64 -10.83
N HIS B 173 21.65 26.85 -11.22
CA HIS B 173 22.21 27.45 -12.43
C HIS B 173 21.88 26.56 -13.64
N HIS B 174 20.69 26.00 -13.59
CA HIS B 174 20.25 25.04 -14.56
C HIS B 174 19.10 25.65 -15.39
N HIS B 175 19.41 26.48 -16.38
CA HIS B 175 18.41 27.39 -16.98
C HIS B 175 17.72 26.78 -18.21
N HIS B 176 18.24 25.63 -18.64
CA HIS B 176 17.86 24.95 -19.88
C HIS B 176 17.03 23.74 -19.48
N HIS B 177 16.45 23.07 -20.47
CA HIS B 177 15.76 21.80 -20.20
C HIS B 177 15.71 20.96 -21.46
C1 BME C . 17.79 -0.70 13.22
C2 BME C . 18.24 0.64 12.65
O1 BME C . 18.70 -1.11 14.23
S2 BME C . 16.89 1.70 12.09
N1 IMD D . 1.20 -26.51 27.93
C2 IMD D . 2.02 -25.97 28.86
N3 IMD D . 2.35 -26.90 29.78
C4 IMD D . 1.72 -28.05 29.44
C5 IMD D . 1.01 -27.80 28.27
C1 BME E . -5.29 -5.10 -3.35
C2 BME E . -5.26 -5.03 -1.84
O1 BME E . -6.50 -5.72 -3.75
S2 BME E . -3.91 -3.98 -1.22
N1 IMD F . 19.57 19.40 -11.06
C2 IMD F . 19.48 20.71 -11.37
N3 IMD F . 18.22 20.99 -11.80
C4 IMD F . 17.52 19.84 -11.75
C5 IMD F . 18.36 18.83 -11.27
#